data_9GTQ
#
_entry.id   9GTQ
#
_cell.length_a   108.927
_cell.length_b   108.927
_cell.length_c   209.374
_cell.angle_alpha   90
_cell.angle_beta   90
_cell.angle_gamma   90
#
_symmetry.space_group_name_H-M   'I 4 2 2'
#
loop_
_entity.id
_entity.type
_entity.pdbx_description
1 polymer 'Ion transport protein'
2 non-polymer PHOSPHATIDYLETHANOLAMINE
3 non-polymer HEGA-10
4 non-polymer 'DODECAETHYLENE GLYCOL'
5 water water
#
_entity_poly.entity_id   1
_entity_poly.type   'polypeptide(L)'
_entity_poly.pdbx_seq_one_letter_code
;SHMSRKIRDLIESKRFQNVITAIIVLNGAVLGLLTDTTLSASSQNLLERVDQLCLTIFIVEISLKIYAYGVRGFFRSGWN
LFDFVIVAIALMPAQGSLSVLRTFRIFRVMRLVSVIPTMRRVVQGMLLALPGVGSVAALLTVVFYIAAVMATNLYGATFP
EWFGDLSKSLYTLFQVMTLESWSMGIVRPVMNVHPNAWVFFIPFIMLTTLTVLNLFIGIIVDAMAITKEQEEEAKTGHHQ
EPISQTLLHLGDRLDRIEKQLAQNNELLQRQQPQKK
;
_entity_poly.pdbx_strand_id   A
#
loop_
_chem_comp.id
_chem_comp.type
_chem_comp.name
_chem_comp.formula
12P non-polymer 'DODECAETHYLENE GLYCOL' 'C24 H50 O13'
2CV non-polymer HEGA-10 'C18 H37 N O7'
PTY non-polymer PHOSPHATIDYLETHANOLAMINE 'C40 H80 N O8 P'
#
# COMPACT_ATOMS: atom_id res chain seq x y z
N SER A 1 -29.99 -12.29 17.38
CA SER A 1 -29.87 -13.77 17.47
C SER A 1 -30.32 -14.42 16.15
N HIS A 2 -31.63 -14.38 15.85
CA HIS A 2 -32.10 -14.45 14.47
C HIS A 2 -31.95 -13.06 13.83
N MET A 3 -31.86 -12.03 14.70
CA MET A 3 -31.63 -10.65 14.32
C MET A 3 -30.18 -10.53 13.83
N SER A 4 -29.21 -10.72 14.74
CA SER A 4 -27.80 -10.96 14.46
C SER A 4 -27.55 -11.60 13.09
N ARG A 5 -28.22 -12.73 12.81
CA ARG A 5 -28.05 -13.45 11.56
C ARG A 5 -28.75 -12.75 10.37
N LYS A 6 -29.84 -12.01 10.57
CA LYS A 6 -30.54 -11.40 9.44
C LYS A 6 -29.84 -10.12 8.97
N ILE A 7 -29.07 -9.51 9.88
CA ILE A 7 -28.39 -8.24 9.65
C ILE A 7 -27.17 -8.50 8.77
N ARG A 8 -26.30 -9.42 9.22
CA ARG A 8 -25.23 -10.05 8.46
C ARG A 8 -25.68 -10.42 7.04
N ASP A 9 -26.89 -10.91 6.86
CA ASP A 9 -27.34 -11.20 5.51
C ASP A 9 -27.49 -9.90 4.72
N LEU A 10 -27.65 -8.77 5.43
CA LEU A 10 -27.68 -7.44 4.83
C LEU A 10 -26.24 -7.01 4.53
N ILE A 11 -25.45 -6.84 5.59
CA ILE A 11 -24.05 -6.52 5.64
C ILE A 11 -23.28 -7.22 4.50
N GLU A 12 -23.61 -8.49 4.25
CA GLU A 12 -22.81 -9.30 3.35
C GLU A 12 -23.48 -9.40 1.99
N SER A 13 -24.58 -8.67 1.79
CA SER A 13 -25.20 -8.66 0.46
C SER A 13 -24.41 -7.82 -0.54
N LYS A 14 -24.68 -8.09 -1.83
CA LYS A 14 -24.20 -7.34 -2.96
C LYS A 14 -24.73 -5.91 -2.90
N ARG A 15 -26.04 -5.76 -2.68
CA ARG A 15 -26.69 -4.46 -2.78
C ARG A 15 -26.17 -3.51 -1.69
N PHE A 16 -25.86 -4.04 -0.50
CA PHE A 16 -25.48 -3.20 0.60
C PHE A 16 -24.05 -2.70 0.40
N GLN A 17 -23.20 -3.57 -0.16
CA GLN A 17 -21.85 -3.24 -0.55
C GLN A 17 -21.88 -2.13 -1.60
N ASN A 18 -22.72 -2.26 -2.64
CA ASN A 18 -22.96 -1.23 -3.65
C ASN A 18 -23.39 0.11 -3.05
N VAL A 19 -24.08 0.06 -1.91
CA VAL A 19 -24.61 1.27 -1.33
C VAL A 19 -23.52 1.99 -0.54
N ILE A 20 -22.71 1.25 0.24
CA ILE A 20 -21.58 1.80 0.96
C ILE A 20 -20.54 2.39 -0.03
N THR A 21 -20.24 1.68 -1.13
CA THR A 21 -19.39 2.10 -2.24
C THR A 21 -19.87 3.47 -2.74
N ALA A 22 -21.18 3.55 -3.08
CA ALA A 22 -21.81 4.75 -3.64
C ALA A 22 -21.66 5.91 -2.67
N ILE A 23 -21.64 5.61 -1.36
CA ILE A 23 -21.53 6.70 -0.41
C ILE A 23 -20.07 7.16 -0.26
N ILE A 24 -19.11 6.24 -0.41
CA ILE A 24 -17.69 6.55 -0.36
C ILE A 24 -17.39 7.52 -1.51
N VAL A 25 -17.86 7.16 -2.70
CA VAL A 25 -17.69 7.91 -3.93
C VAL A 25 -18.27 9.31 -3.73
N LEU A 26 -19.47 9.35 -3.18
CA LEU A 26 -20.14 10.63 -2.98
C LEU A 26 -19.34 11.46 -1.99
N ASN A 27 -18.95 10.84 -0.87
CA ASN A 27 -18.18 11.59 0.10
C ASN A 27 -16.91 12.11 -0.65
N GLY A 28 -16.34 11.28 -1.53
CA GLY A 28 -15.07 11.65 -2.16
C GLY A 28 -15.21 12.81 -3.15
N ALA A 29 -16.29 12.78 -3.94
CA ALA A 29 -16.67 13.77 -4.93
C ALA A 29 -16.87 15.12 -4.25
N VAL A 30 -17.41 15.05 -3.03
CA VAL A 30 -17.72 16.24 -2.26
C VAL A 30 -16.45 16.84 -1.63
N LEU A 31 -15.53 16.01 -1.15
CA LEU A 31 -14.29 16.56 -0.64
C LEU A 31 -13.44 17.16 -1.78
N GLY A 32 -13.65 16.65 -2.99
CA GLY A 32 -13.06 17.11 -4.23
C GLY A 32 -13.59 18.50 -4.58
N LEU A 33 -14.92 18.67 -4.61
CA LEU A 33 -15.54 19.95 -4.93
C LEU A 33 -15.13 20.97 -3.90
N LEU A 34 -14.92 20.54 -2.65
CA LEU A 34 -14.49 21.51 -1.64
C LEU A 34 -13.07 22.07 -1.81
N THR A 35 -12.23 21.48 -2.68
CA THR A 35 -10.87 22.03 -2.82
C THR A 35 -10.93 23.38 -3.52
N ASP A 36 -11.96 23.54 -4.36
CA ASP A 36 -12.28 24.74 -5.11
C ASP A 36 -12.57 25.92 -4.19
N THR A 37 -11.68 26.93 -4.27
CA THR A 37 -11.62 28.06 -3.36
C THR A 37 -12.70 29.08 -3.71
N THR A 38 -13.18 29.05 -4.97
CA THR A 38 -14.13 30.05 -5.44
C THR A 38 -15.57 29.82 -4.93
N LEU A 39 -15.83 28.79 -4.09
CA LEU A 39 -17.22 28.41 -3.84
C LEU A 39 -17.91 29.42 -2.92
N SER A 40 -19.21 29.67 -3.17
CA SER A 40 -19.99 30.50 -2.25
C SER A 40 -19.98 29.88 -0.85
N ALA A 41 -20.41 30.66 0.16
CA ALA A 41 -20.42 30.15 1.51
C ALA A 41 -21.55 29.13 1.66
N SER A 42 -22.59 29.30 0.83
CA SER A 42 -23.75 28.42 0.92
C SER A 42 -23.39 27.07 0.29
N SER A 43 -22.74 27.13 -0.87
CA SER A 43 -22.26 25.94 -1.56
C SER A 43 -21.35 25.14 -0.63
N GLN A 44 -20.47 25.83 0.08
CA GLN A 44 -19.54 25.12 0.94
C GLN A 44 -20.30 24.48 2.09
N ASN A 45 -21.36 25.17 2.55
CA ASN A 45 -22.14 24.79 3.72
C ASN A 45 -22.89 23.49 3.43
N LEU A 46 -23.52 23.46 2.25
CA LEU A 46 -24.23 22.33 1.67
C LEU A 46 -23.31 21.11 1.59
N LEU A 47 -22.25 21.24 0.76
CA LEU A 47 -21.23 20.22 0.58
C LEU A 47 -20.79 19.71 1.94
N GLU A 48 -20.64 20.61 2.91
CA GLU A 48 -20.19 20.16 4.22
C GLU A 48 -21.28 19.34 4.91
N ARG A 49 -22.54 19.51 4.46
CA ARG A 49 -23.67 18.78 5.02
C ARG A 49 -23.69 17.39 4.39
N VAL A 50 -23.51 17.32 3.06
CA VAL A 50 -23.39 16.04 2.40
C VAL A 50 -22.30 15.18 3.04
N ASP A 51 -21.20 15.81 3.49
CA ASP A 51 -20.10 15.08 4.10
C ASP A 51 -20.50 14.54 5.48
N GLN A 52 -21.19 15.39 6.25
CA GLN A 52 -21.75 15.03 7.56
C GLN A 52 -22.67 13.81 7.47
N LEU A 53 -23.58 13.83 6.49
CA LEU A 53 -24.46 12.74 6.12
C LEU A 53 -23.68 11.46 5.80
N CYS A 54 -22.66 11.59 4.92
CA CYS A 54 -21.83 10.46 4.53
C CYS A 54 -21.18 9.93 5.79
N LEU A 55 -20.64 10.83 6.59
CA LEU A 55 -19.98 10.25 7.73
C LEU A 55 -21.01 9.48 8.60
N THR A 56 -22.28 9.95 8.62
CA THR A 56 -23.30 9.41 9.51
C THR A 56 -23.68 7.99 9.07
N ILE A 57 -24.00 7.84 7.78
CA ILE A 57 -24.27 6.55 7.19
C ILE A 57 -23.15 5.55 7.52
N PHE A 58 -21.90 6.02 7.65
CA PHE A 58 -20.78 5.13 7.92
C PHE A 58 -20.84 4.66 9.37
N ILE A 59 -21.33 5.51 10.28
CA ILE A 59 -21.39 5.17 11.70
C ILE A 59 -22.41 4.04 11.91
N VAL A 60 -23.52 4.11 11.17
CA VAL A 60 -24.60 3.15 11.22
C VAL A 60 -24.05 1.81 10.76
N GLU A 61 -23.69 1.73 9.47
CA GLU A 61 -22.89 0.67 8.85
C GLU A 61 -21.95 -0.01 9.86
N ILE A 62 -21.07 0.77 10.48
CA ILE A 62 -20.09 0.18 11.38
C ILE A 62 -20.81 -0.42 12.59
N SER A 63 -21.87 0.27 13.06
CA SER A 63 -22.66 -0.18 14.19
C SER A 63 -23.37 -1.49 13.83
N LEU A 64 -24.13 -1.46 12.74
CA LEU A 64 -24.69 -2.68 12.20
C LEU A 64 -23.67 -3.82 12.28
N LYS A 65 -22.38 -3.49 12.10
CA LYS A 65 -21.31 -4.47 12.03
C LYS A 65 -20.76 -4.82 13.41
N ILE A 66 -20.41 -3.83 14.24
CA ILE A 66 -19.82 -4.11 15.54
C ILE A 66 -20.80 -4.96 16.32
N TYR A 67 -22.09 -4.70 16.10
CA TYR A 67 -23.18 -5.47 16.67
C TYR A 67 -23.13 -6.89 16.08
N ALA A 68 -23.63 -7.05 14.85
CA ALA A 68 -23.86 -8.35 14.21
C ALA A 68 -22.64 -9.29 14.19
N TYR A 69 -21.61 -9.05 15.03
CA TYR A 69 -20.36 -9.84 15.00
C TYR A 69 -19.71 -9.74 16.37
N GLY A 70 -20.14 -8.75 17.16
CA GLY A 70 -19.62 -8.54 18.50
C GLY A 70 -18.24 -7.91 18.47
N VAL A 71 -17.87 -7.25 19.58
CA VAL A 71 -16.63 -6.50 19.72
C VAL A 71 -15.41 -7.37 19.42
N ARG A 72 -15.52 -8.67 19.69
CA ARG A 72 -14.37 -9.55 19.59
C ARG A 72 -14.09 -9.87 18.12
N GLY A 73 -15.14 -10.16 17.35
CA GLY A 73 -15.00 -10.75 16.03
C GLY A 73 -15.11 -9.71 14.91
N PHE A 74 -15.41 -8.46 15.28
CA PHE A 74 -15.32 -7.36 14.33
C PHE A 74 -13.85 -6.93 14.29
N PHE A 75 -13.32 -6.63 15.46
CA PHE A 75 -11.94 -6.23 15.67
C PHE A 75 -10.99 -7.39 15.46
N ARG A 76 -11.45 -8.49 14.84
CA ARG A 76 -10.52 -9.56 14.55
C ARG A 76 -10.01 -9.40 13.13
N SER A 77 -10.68 -8.53 12.35
CA SER A 77 -10.29 -8.18 10.99
C SER A 77 -9.57 -6.84 10.97
N GLY A 78 -8.43 -6.80 10.26
CA GLY A 78 -7.64 -5.59 10.10
C GLY A 78 -8.41 -4.54 9.30
N TRP A 79 -9.22 -5.01 8.35
CA TRP A 79 -10.03 -4.15 7.52
C TRP A 79 -11.14 -3.52 8.35
N ASN A 80 -11.71 -4.29 9.28
CA ASN A 80 -12.75 -3.72 10.13
C ASN A 80 -12.13 -2.64 11.00
N LEU A 81 -10.97 -2.96 11.58
CA LEU A 81 -10.27 -2.03 12.42
C LEU A 81 -9.98 -0.76 11.62
N PHE A 82 -9.42 -0.94 10.42
CA PHE A 82 -9.07 0.20 9.58
C PHE A 82 -10.33 1.01 9.31
N ASP A 83 -11.40 0.35 8.90
CA ASP A 83 -12.67 1.03 8.69
C ASP A 83 -13.09 1.78 9.96
N PHE A 84 -12.72 1.20 11.11
CA PHE A 84 -13.22 1.66 12.39
C PHE A 84 -12.52 2.98 12.70
N VAL A 85 -11.18 2.93 12.77
CA VAL A 85 -10.35 4.10 12.99
C VAL A 85 -10.72 5.19 11.98
N ILE A 86 -10.65 4.86 10.69
CA ILE A 86 -10.89 5.84 9.66
C ILE A 86 -12.14 6.66 9.99
N VAL A 87 -13.19 5.97 10.48
CA VAL A 87 -14.49 6.61 10.59
C VAL A 87 -14.57 7.37 11.90
N ALA A 88 -13.96 6.79 12.94
CA ALA A 88 -14.03 7.28 14.29
C ALA A 88 -13.18 8.52 14.45
N ILE A 89 -12.02 8.51 13.79
CA ILE A 89 -11.07 9.61 13.80
C ILE A 89 -11.74 10.92 13.38
N ALA A 90 -12.69 10.84 12.43
CA ALA A 90 -13.50 11.97 11.98
C ALA A 90 -14.42 12.53 13.06
N LEU A 91 -14.40 11.98 14.28
CA LEU A 91 -15.18 12.48 15.41
C LEU A 91 -14.21 12.95 16.49
N MET A 92 -13.55 14.08 16.23
CA MET A 92 -12.57 14.69 17.10
C MET A 92 -12.25 16.11 16.58
N THR A 103 -7.24 15.47 9.63
CA THR A 103 -7.19 16.75 8.87
C THR A 103 -7.21 16.50 7.36
N PHE A 104 -6.77 15.30 6.93
CA PHE A 104 -6.96 14.79 5.58
C PHE A 104 -8.12 13.79 5.55
N ARG A 105 -9.32 14.34 5.60
CA ARG A 105 -10.57 13.62 5.47
C ARG A 105 -10.60 12.75 4.22
N ILE A 106 -9.92 13.17 3.11
CA ILE A 106 -9.97 12.50 1.81
C ILE A 106 -9.42 11.08 1.92
N PHE A 107 -8.68 10.80 2.99
CA PHE A 107 -8.21 9.43 3.21
C PHE A 107 -9.37 8.45 3.40
N ARG A 108 -10.56 8.98 3.71
CA ARG A 108 -11.77 8.16 3.81
C ARG A 108 -12.02 7.41 2.52
N VAL A 109 -11.54 7.94 1.39
CA VAL A 109 -11.73 7.29 0.10
C VAL A 109 -10.94 5.96 0.01
N MET A 110 -9.97 5.77 0.93
N MET A 110 -9.97 5.74 0.90
CA MET A 110 -9.25 4.51 1.02
CA MET A 110 -9.29 4.44 0.87
C MET A 110 -10.23 3.35 1.31
C MET A 110 -10.25 3.31 1.30
N ARG A 111 -11.43 3.69 1.79
CA ARG A 111 -12.43 2.68 2.14
C ARG A 111 -12.95 2.01 0.87
N LEU A 112 -12.79 2.64 -0.30
CA LEU A 112 -13.04 1.87 -1.52
C LEU A 112 -12.21 0.60 -1.53
N VAL A 113 -11.01 0.66 -0.97
CA VAL A 113 -10.17 -0.52 -0.91
C VAL A 113 -10.72 -1.54 0.11
N SER A 114 -11.03 -1.12 1.35
CA SER A 114 -11.49 -2.04 2.40
C SER A 114 -12.84 -2.69 2.07
N VAL A 115 -13.71 -2.01 1.32
CA VAL A 115 -15.04 -2.50 1.03
C VAL A 115 -15.15 -3.28 -0.28
N ILE A 116 -14.34 -2.96 -1.31
CA ILE A 116 -14.44 -3.75 -2.54
C ILE A 116 -13.48 -4.94 -2.49
N PRO A 117 -13.97 -6.21 -2.47
CA PRO A 117 -13.08 -7.36 -2.23
C PRO A 117 -11.91 -7.64 -3.19
N THR A 118 -12.08 -7.38 -4.49
CA THR A 118 -11.04 -7.55 -5.48
C THR A 118 -9.99 -6.46 -5.25
N MET A 119 -10.39 -5.30 -4.74
CA MET A 119 -9.43 -4.26 -4.46
C MET A 119 -8.69 -4.60 -3.18
N ARG A 120 -9.44 -5.15 -2.24
CA ARG A 120 -8.82 -5.52 -0.98
C ARG A 120 -7.77 -6.60 -1.22
N ARG A 121 -8.04 -7.50 -2.19
CA ARG A 121 -7.13 -8.60 -2.45
C ARG A 121 -5.82 -8.09 -3.11
N VAL A 122 -5.91 -7.06 -3.97
CA VAL A 122 -4.70 -6.41 -4.48
C VAL A 122 -3.86 -5.86 -3.33
N VAL A 123 -4.50 -5.14 -2.40
CA VAL A 123 -3.71 -4.54 -1.35
C VAL A 123 -3.09 -5.63 -0.47
N GLN A 124 -3.87 -6.69 -0.16
CA GLN A 124 -3.37 -7.77 0.67
C GLN A 124 -2.17 -8.46 0.02
N GLY A 125 -2.24 -8.68 -1.29
CA GLY A 125 -1.08 -9.30 -1.92
C GLY A 125 0.17 -8.44 -1.68
N MET A 126 -0.01 -7.11 -1.72
CA MET A 126 1.18 -6.25 -1.66
C MET A 126 1.73 -6.25 -0.26
N LEU A 127 0.84 -6.12 0.73
CA LEU A 127 1.27 -6.15 2.12
C LEU A 127 1.96 -7.47 2.42
N LEU A 128 1.36 -8.56 1.92
CA LEU A 128 1.89 -9.86 2.28
C LEU A 128 3.22 -10.06 1.58
N ALA A 129 3.43 -9.37 0.44
CA ALA A 129 4.74 -9.52 -0.20
C ALA A 129 5.83 -8.77 0.58
N LEU A 130 5.48 -7.85 1.48
CA LEU A 130 6.49 -6.97 2.06
C LEU A 130 7.54 -7.77 2.85
N PRO A 131 7.18 -8.68 3.79
CA PRO A 131 8.21 -9.48 4.49
C PRO A 131 9.31 -10.12 3.65
N GLY A 132 8.97 -10.71 2.51
CA GLY A 132 10.02 -11.37 1.77
C GLY A 132 10.95 -10.44 0.97
N VAL A 133 10.74 -9.11 0.98
CA VAL A 133 11.74 -8.24 0.36
C VAL A 133 12.43 -7.39 1.42
N GLY A 134 12.14 -7.69 2.71
CA GLY A 134 12.64 -6.94 3.85
C GLY A 134 14.16 -6.80 3.83
N SER A 135 14.85 -7.82 3.34
CA SER A 135 16.30 -7.80 3.32
C SER A 135 16.85 -6.98 2.15
N VAL A 136 16.14 -6.97 1.01
CA VAL A 136 16.56 -6.19 -0.17
C VAL A 136 16.38 -4.72 0.21
N ALA A 137 15.27 -4.40 0.87
CA ALA A 137 14.98 -3.07 1.32
C ALA A 137 16.00 -2.60 2.36
N ALA A 138 16.35 -3.48 3.31
CA ALA A 138 17.34 -3.09 4.32
C ALA A 138 18.67 -2.85 3.60
N LEU A 139 19.00 -3.67 2.59
CA LEU A 139 20.25 -3.41 1.90
C LEU A 139 20.24 -2.04 1.20
N LEU A 140 19.10 -1.66 0.58
CA LEU A 140 18.96 -0.35 -0.02
C LEU A 140 19.16 0.75 1.05
N THR A 141 18.49 0.58 2.19
CA THR A 141 18.63 1.49 3.33
C THR A 141 20.09 1.68 3.73
N VAL A 142 20.82 0.59 3.86
CA VAL A 142 22.21 0.69 4.29
C VAL A 142 23.04 1.47 3.24
N VAL A 143 22.81 1.17 1.96
CA VAL A 143 23.56 1.84 0.90
C VAL A 143 23.24 3.35 0.94
N PHE A 144 21.97 3.72 1.17
CA PHE A 144 21.61 5.11 1.21
C PHE A 144 22.35 5.81 2.33
N TYR A 145 22.36 5.15 3.52
CA TYR A 145 22.84 5.76 4.75
C TYR A 145 24.32 6.03 4.56
N ILE A 146 25.02 5.01 4.07
CA ILE A 146 26.45 5.16 3.85
C ILE A 146 26.69 6.25 2.80
N ALA A 147 25.95 6.22 1.68
CA ALA A 147 26.18 7.19 0.61
C ALA A 147 25.92 8.59 1.18
N ALA A 148 24.87 8.73 1.99
CA ALA A 148 24.57 10.08 2.47
C ALA A 148 25.60 10.67 3.44
N VAL A 149 26.19 9.79 4.24
CA VAL A 149 27.25 10.22 5.15
C VAL A 149 28.44 10.63 4.31
N MET A 150 28.84 9.78 3.37
CA MET A 150 30.00 10.17 2.57
C MET A 150 29.73 11.47 1.78
N ALA A 151 28.51 11.64 1.21
CA ALA A 151 28.29 12.81 0.33
C ALA A 151 28.31 14.08 1.18
N THR A 152 27.73 14.01 2.40
CA THR A 152 27.81 15.13 3.33
C THR A 152 29.26 15.55 3.59
N ASN A 153 30.13 14.58 3.93
CA ASN A 153 31.54 14.85 4.22
C ASN A 153 32.24 15.32 2.95
N LEU A 154 31.98 14.66 1.83
CA LEU A 154 32.68 15.06 0.61
C LEU A 154 32.24 16.45 0.10
N TYR A 155 30.94 16.78 0.15
CA TYR A 155 30.43 17.82 -0.78
C TYR A 155 29.69 18.88 0.02
N GLY A 156 29.44 18.61 1.29
CA GLY A 156 28.61 19.47 2.12
C GLY A 156 29.12 20.92 2.24
N ALA A 157 30.44 21.11 2.24
CA ALA A 157 30.96 22.46 2.45
C ALA A 157 30.89 23.21 1.12
N THR A 158 31.06 22.51 -0.01
CA THR A 158 31.10 23.23 -1.27
C THR A 158 29.72 23.29 -1.95
N PHE A 159 28.80 22.41 -1.56
CA PHE A 159 27.46 22.28 -2.11
C PHE A 159 26.43 22.13 -1.03
N PRO A 160 26.27 23.11 -0.12
CA PRO A 160 25.48 22.86 1.06
C PRO A 160 23.99 22.76 0.83
N GLU A 161 23.45 23.35 -0.26
CA GLU A 161 22.00 23.21 -0.53
C GLU A 161 21.67 21.75 -0.86
N TRP A 162 22.64 21.01 -1.43
CA TRP A 162 22.34 19.63 -1.82
C TRP A 162 22.85 18.60 -0.81
N PHE A 163 23.94 18.98 -0.09
CA PHE A 163 24.65 17.99 0.68
C PHE A 163 25.03 18.51 2.07
N GLY A 164 24.49 19.68 2.47
CA GLY A 164 25.02 20.43 3.59
C GLY A 164 24.81 19.66 4.92
N ASP A 165 23.89 18.70 4.97
CA ASP A 165 23.68 17.90 6.16
C ASP A 165 23.08 16.59 5.70
N LEU A 166 22.92 15.65 6.64
CA LEU A 166 22.56 14.29 6.30
C LEU A 166 21.22 14.22 5.56
N SER A 167 20.25 14.98 6.02
CA SER A 167 18.92 15.04 5.48
C SER A 167 18.89 15.53 4.01
N LYS A 168 19.65 16.58 3.75
CA LYS A 168 19.85 17.17 2.45
C LYS A 168 20.44 16.10 1.54
N SER A 169 21.51 15.43 2.02
CA SER A 169 22.18 14.41 1.26
C SER A 169 21.24 13.31 0.85
N LEU A 170 20.38 12.87 1.78
CA LEU A 170 19.52 11.71 1.53
C LEU A 170 18.50 12.12 0.43
N TYR A 171 17.89 13.29 0.60
CA TYR A 171 16.99 13.90 -0.39
C TYR A 171 17.63 13.93 -1.78
N THR A 172 18.81 14.53 -1.89
CA THR A 172 19.55 14.61 -3.14
C THR A 172 19.86 13.24 -3.74
N LEU A 173 20.29 12.30 -2.89
CA LEU A 173 20.62 10.97 -3.40
C LEU A 173 19.37 10.24 -3.86
N PHE A 174 18.22 10.48 -3.20
CA PHE A 174 16.98 9.86 -3.66
C PHE A 174 16.67 10.40 -5.08
N GLN A 175 16.83 11.71 -5.28
CA GLN A 175 16.61 12.36 -6.57
C GLN A 175 17.59 11.78 -7.62
N VAL A 176 18.84 11.55 -7.19
CA VAL A 176 19.87 10.97 -8.04
C VAL A 176 19.50 9.53 -8.43
N MET A 177 19.04 8.70 -7.47
CA MET A 177 18.62 7.36 -7.82
C MET A 177 17.42 7.36 -8.79
N THR A 178 16.49 8.33 -8.67
CA THR A 178 15.43 8.40 -9.64
C THR A 178 15.95 8.94 -10.98
N LEU A 179 17.23 9.35 -11.07
CA LEU A 179 17.81 9.73 -12.34
C LEU A 179 17.31 11.13 -12.73
N GLU A 180 16.69 11.86 -11.82
CA GLU A 180 16.12 13.15 -12.20
C GLU A 180 17.12 14.28 -12.17
N SER A 181 17.39 14.92 -13.33
CA SER A 181 18.49 15.86 -13.50
C SER A 181 19.80 15.46 -12.82
N TRP A 182 20.12 14.17 -12.71
CA TRP A 182 21.21 13.77 -11.81
C TRP A 182 22.53 14.34 -12.37
N SER A 183 22.59 14.54 -13.70
CA SER A 183 23.85 14.96 -14.30
C SER A 183 23.87 16.44 -14.58
N MET A 184 22.97 16.97 -15.45
CA MET A 184 22.98 18.41 -15.74
C MET A 184 22.72 19.18 -14.46
N GLY A 185 21.89 18.62 -13.56
CA GLY A 185 21.51 19.48 -12.45
C GLY A 185 22.43 19.30 -11.21
N ILE A 186 22.97 18.11 -10.93
CA ILE A 186 23.72 17.82 -9.68
C ILE A 186 25.20 17.51 -10.03
N VAL A 187 25.46 16.43 -10.78
CA VAL A 187 26.81 15.88 -10.87
C VAL A 187 27.74 16.76 -11.73
N ARG A 188 27.27 17.26 -12.87
CA ARG A 188 28.21 18.12 -13.59
C ARG A 188 28.63 19.36 -12.75
N PRO A 189 27.70 20.09 -12.08
CA PRO A 189 28.10 21.24 -11.22
C PRO A 189 29.08 20.81 -10.10
N VAL A 190 28.87 19.63 -9.49
CA VAL A 190 29.76 19.06 -8.47
C VAL A 190 31.16 18.83 -9.06
N MET A 191 31.26 18.23 -10.26
CA MET A 191 32.51 17.93 -10.90
C MET A 191 33.31 19.15 -11.32
N ASN A 192 32.66 20.30 -11.52
CA ASN A 192 33.40 21.52 -11.82
C ASN A 192 34.28 21.85 -10.61
N VAL A 193 33.83 21.53 -9.40
CA VAL A 193 34.66 21.75 -8.22
C VAL A 193 35.40 20.45 -7.86
N HIS A 194 34.79 19.26 -7.98
CA HIS A 194 35.43 18.03 -7.53
C HIS A 194 35.52 17.05 -8.70
N PRO A 195 36.55 17.15 -9.53
CA PRO A 195 36.57 16.47 -10.82
C PRO A 195 36.39 14.96 -10.75
N ASN A 196 36.62 14.31 -9.59
CA ASN A 196 36.47 12.86 -9.68
C ASN A 196 35.13 12.43 -9.10
N ALA A 197 34.18 13.36 -8.94
CA ALA A 197 32.94 13.03 -8.22
C ALA A 197 32.13 11.94 -8.93
N TRP A 198 32.39 11.71 -10.25
CA TRP A 198 31.67 10.69 -11.01
C TRP A 198 31.98 9.33 -10.41
N VAL A 199 33.13 9.20 -9.72
CA VAL A 199 33.61 7.92 -9.14
C VAL A 199 32.69 7.56 -7.96
N PHE A 200 32.13 8.59 -7.33
CA PHE A 200 31.09 8.38 -6.32
C PHE A 200 29.73 8.13 -6.97
N PHE A 201 29.28 9.00 -7.90
CA PHE A 201 27.85 9.11 -8.26
C PHE A 201 27.45 7.98 -9.21
N ILE A 202 28.33 7.63 -10.13
CA ILE A 202 28.02 6.60 -11.11
C ILE A 202 27.86 5.21 -10.46
N PRO A 203 28.76 4.76 -9.56
CA PRO A 203 28.49 3.53 -8.80
C PRO A 203 27.24 3.63 -7.90
N PHE A 204 27.02 4.77 -7.26
CA PHE A 204 25.80 4.95 -6.48
C PHE A 204 24.61 4.61 -7.37
N ILE A 205 24.57 5.19 -8.59
CA ILE A 205 23.40 5.04 -9.46
C ILE A 205 23.26 3.57 -9.87
N MET A 206 24.37 2.94 -10.24
CA MET A 206 24.30 1.56 -10.73
C MET A 206 23.79 0.62 -9.65
N LEU A 207 24.28 0.81 -8.43
CA LEU A 207 23.90 -0.03 -7.31
C LEU A 207 22.47 0.22 -6.84
N THR A 208 22.03 1.49 -6.73
CA THR A 208 20.68 1.73 -6.22
C THR A 208 19.61 1.41 -7.27
N THR A 209 19.93 1.65 -8.55
CA THR A 209 18.91 1.34 -9.53
C THR A 209 18.76 -0.17 -9.62
N LEU A 210 19.86 -0.93 -9.57
CA LEU A 210 19.79 -2.39 -9.56
C LEU A 210 18.94 -2.86 -8.35
N THR A 211 19.23 -2.35 -7.14
CA THR A 211 18.64 -2.80 -5.91
C THR A 211 17.18 -2.36 -5.82
N VAL A 212 16.86 -1.12 -6.23
CA VAL A 212 15.47 -0.72 -6.14
C VAL A 212 14.58 -1.50 -7.13
N LEU A 213 15.11 -1.82 -8.30
CA LEU A 213 14.37 -2.67 -9.22
C LEU A 213 14.22 -4.10 -8.68
N ASN A 214 15.28 -4.64 -8.10
CA ASN A 214 15.15 -5.91 -7.39
C ASN A 214 14.00 -5.81 -6.38
N LEU A 215 13.97 -4.73 -5.59
CA LEU A 215 12.92 -4.55 -4.58
C LEU A 215 11.54 -4.52 -5.24
N PHE A 216 11.41 -3.75 -6.34
CA PHE A 216 10.11 -3.58 -7.01
C PHE A 216 9.61 -4.88 -7.60
N ILE A 217 10.46 -5.53 -8.40
CA ILE A 217 10.15 -6.78 -9.04
C ILE A 217 9.83 -7.86 -8.00
N GLY A 218 10.60 -7.94 -6.91
CA GLY A 218 10.26 -8.94 -5.89
C GLY A 218 8.85 -8.71 -5.31
N ILE A 219 8.50 -7.43 -5.04
CA ILE A 219 7.19 -7.13 -4.47
C ILE A 219 6.14 -7.60 -5.47
N ILE A 220 6.37 -7.29 -6.75
CA ILE A 220 5.30 -7.41 -7.72
C ILE A 220 5.03 -8.87 -8.05
N VAL A 221 6.11 -9.64 -8.23
CA VAL A 221 6.03 -11.06 -8.56
C VAL A 221 5.33 -11.82 -7.43
N ASP A 222 5.70 -11.55 -6.19
CA ASP A 222 5.06 -12.18 -5.05
C ASP A 222 3.62 -11.70 -4.85
N ALA A 223 3.41 -10.39 -4.94
CA ALA A 223 2.08 -9.83 -4.73
C ALA A 223 1.11 -10.43 -5.72
N MET A 224 1.59 -10.63 -6.94
CA MET A 224 0.68 -11.10 -7.95
C MET A 224 0.33 -12.58 -7.63
N ALA A 225 1.26 -13.34 -7.07
CA ALA A 225 1.02 -14.78 -6.88
C ALA A 225 0.08 -14.97 -5.68
N ILE A 226 0.37 -14.23 -4.60
CA ILE A 226 -0.51 -14.14 -3.46
C ILE A 226 -1.93 -13.72 -3.87
N THR A 227 -2.08 -12.60 -4.59
CA THR A 227 -3.40 -12.10 -4.90
C THR A 227 -4.13 -13.17 -5.73
N LYS A 228 -3.38 -13.89 -6.53
CA LYS A 228 -4.05 -14.81 -7.44
C LYS A 228 -4.60 -16.02 -6.68
N GLU A 229 -3.87 -16.48 -5.67
CA GLU A 229 -4.33 -17.55 -4.80
C GLU A 229 -5.56 -17.09 -4.03
N GLN A 230 -5.53 -15.86 -3.49
CA GLN A 230 -6.65 -15.29 -2.76
C GLN A 230 -7.91 -15.19 -3.61
N GLU A 231 -7.75 -14.89 -4.92
CA GLU A 231 -8.87 -14.81 -5.84
C GLU A 231 -9.42 -16.22 -6.10
N GLU A 232 -8.56 -17.24 -6.02
CA GLU A 232 -8.97 -18.62 -6.25
C GLU A 232 -9.79 -19.08 -5.04
N GLU A 233 -9.19 -19.00 -3.83
CA GLU A 233 -9.81 -19.29 -2.55
C GLU A 233 -11.15 -18.58 -2.45
N ALA A 234 -11.20 -17.28 -2.78
CA ALA A 234 -12.45 -16.55 -2.65
C ALA A 234 -13.52 -17.06 -3.61
N LYS A 235 -13.12 -17.66 -4.74
CA LYS A 235 -14.10 -18.08 -5.71
C LYS A 235 -14.55 -19.52 -5.45
N THR A 236 -13.67 -20.39 -4.92
CA THR A 236 -13.90 -21.83 -4.99
C THR A 236 -13.54 -22.51 -3.67
N GLY A 237 -13.00 -21.73 -2.74
CA GLY A 237 -12.71 -22.20 -1.39
C GLY A 237 -11.32 -22.83 -1.31
N HIS A 238 -10.70 -23.09 -2.49
CA HIS A 238 -9.32 -23.53 -2.48
C HIS A 238 -8.52 -22.85 -3.61
N HIS A 239 -7.21 -23.07 -3.61
CA HIS A 239 -6.32 -22.65 -4.68
C HIS A 239 -5.65 -23.85 -5.34
N GLN A 240 -4.98 -23.58 -6.48
CA GLN A 240 -4.12 -24.51 -7.20
C GLN A 240 -2.96 -24.96 -6.31
N GLU A 241 -2.75 -26.28 -6.24
CA GLU A 241 -1.57 -26.78 -5.56
C GLU A 241 -0.33 -26.43 -6.37
N PRO A 242 0.80 -26.02 -5.73
CA PRO A 242 2.06 -25.82 -6.46
C PRO A 242 2.48 -27.09 -7.20
N ILE A 243 2.95 -26.91 -8.45
CA ILE A 243 3.44 -28.01 -9.28
C ILE A 243 4.31 -28.95 -8.45
N SER A 244 5.04 -28.37 -7.48
CA SER A 244 5.89 -29.08 -6.54
C SER A 244 5.09 -30.13 -5.76
N GLN A 245 4.07 -29.70 -5.01
CA GLN A 245 3.15 -30.63 -4.36
C GLN A 245 2.59 -31.64 -5.37
N THR A 246 2.25 -31.21 -6.59
CA THR A 246 1.63 -32.09 -7.57
C THR A 246 2.58 -33.23 -7.96
N LEU A 247 3.88 -32.98 -7.87
CA LEU A 247 4.89 -33.99 -8.16
C LEU A 247 5.32 -34.72 -6.88
N LEU A 248 5.40 -34.01 -5.73
CA LEU A 248 5.51 -34.63 -4.41
C LEU A 248 4.48 -35.75 -4.35
N HIS A 249 3.20 -35.38 -4.52
CA HIS A 249 2.05 -36.26 -4.40
C HIS A 249 2.04 -37.26 -5.55
N LEU A 250 2.78 -36.98 -6.62
CA LEU A 250 2.85 -37.90 -7.75
C LEU A 250 3.88 -38.97 -7.46
N GLY A 251 4.69 -38.74 -6.40
CA GLY A 251 5.69 -39.67 -5.91
C GLY A 251 5.18 -40.51 -4.74
N ASP A 252 4.04 -40.10 -4.16
CA ASP A 252 3.29 -40.90 -3.20
C ASP A 252 2.51 -41.98 -3.95
N ARG A 253 1.92 -41.62 -5.10
CA ARG A 253 1.08 -42.52 -5.89
C ARG A 253 1.91 -43.31 -6.90
N LEU A 254 3.20 -42.98 -7.05
CA LEU A 254 4.08 -43.77 -7.90
C LEU A 254 4.87 -44.78 -7.06
N ASP A 255 5.16 -44.44 -5.78
CA ASP A 255 5.82 -45.34 -4.84
C ASP A 255 4.85 -46.46 -4.43
N ARG A 256 3.55 -46.14 -4.42
CA ARG A 256 2.50 -47.10 -4.09
C ARG A 256 2.17 -47.98 -5.30
N ILE A 257 2.30 -47.44 -6.52
CA ILE A 257 2.01 -48.20 -7.72
C ILE A 257 3.19 -49.11 -8.06
N GLU A 258 4.34 -48.85 -7.43
CA GLU A 258 5.55 -49.63 -7.62
C GLU A 258 5.66 -50.70 -6.52
N LYS A 259 5.08 -50.41 -5.34
CA LYS A 259 5.01 -51.37 -4.25
C LYS A 259 3.85 -52.34 -4.47
N GLN A 260 2.77 -51.88 -5.12
CA GLN A 260 1.72 -52.75 -5.63
C GLN A 260 2.33 -53.68 -6.68
N LEU A 261 2.94 -53.09 -7.72
CA LEU A 261 3.54 -53.78 -8.85
C LEU A 261 4.65 -54.74 -8.38
N ALA A 262 5.19 -54.48 -7.18
CA ALA A 262 6.19 -55.31 -6.53
C ALA A 262 7.26 -55.75 -7.53
C38 PTY B . 20.59 1.88 8.49
C39 PTY B . 21.43 1.67 9.73
C40 PTY B . 22.84 2.30 9.68
C41 PTY B . 23.35 2.96 10.97
C42 PTY B . 22.27 3.64 11.84
C43 PTY B . 22.29 5.10 12.14
C44 PTY B . 20.97 5.60 12.75
C9 2CV C . 30.23 4.24 -17.76
C12 2CV C . 31.62 4.86 -17.71
C15 2CV C . 31.68 6.33 -17.28
C18 2CV C . 33.06 6.83 -16.96
C21 2CV C . 33.24 8.30 -17.10
C24 2CV C . 34.62 8.89 -16.78
C27 2CV C . 34.54 10.41 -16.54
C30 2CV C . 35.87 11.12 -16.42
N33 2CV C . 35.92 12.47 -16.38
O34 2CV C . 36.90 10.46 -16.41
C35 2CV C . 37.21 13.20 -16.36
C36 2CV C . 34.70 13.29 -16.39
C37 2CV C . 34.62 14.44 -17.40
C40 2CV C . 35.00 15.91 -16.93
C41 2CV C . 33.96 17.06 -16.88
C42 2CV C . 33.81 17.85 -18.19
O47 2CV C . 33.27 14.47 -17.90
O49 2CV C . 36.18 16.38 -17.65
O51 2CV C . 34.04 18.00 -15.65
C60 2CV C . 37.99 13.12 -15.06
O63 2CV C . 39.34 13.61 -15.18
C1 2CV C . 30.16 2.92 -18.54
C0 2CV C . 28.84 2.10 -18.57
C35 12P D . 30.00 -0.21 -3.11
O34 12P D . 29.96 0.02 -1.71
C33 12P D . 28.70 0.46 -1.22
C32 12P D . 28.85 1.75 -0.45
O31 12P D . 27.78 2.66 -0.70
C30 12P D . 28.16 3.88 -1.36
C29 12P D . 27.85 3.78 -2.83
O28 12P D . 28.82 4.44 -3.64
C27 12P D . 30.12 4.53 -3.07
C26 12P D . 31.13 4.46 -4.19
O25 12P D . 32.44 4.29 -3.68
C24 12P D . 33.41 5.17 -4.25
C23 12P D . 33.61 6.30 -3.30
O22 12P D . 34.80 6.99 -3.62
C21 12P D . 34.73 8.38 -3.34
C20 12P D . 35.69 9.08 -4.24
O19 12P D . 35.60 10.48 -3.98
C18 12P D . 35.51 11.27 -5.16
C17 12P D . 35.95 12.69 -4.88
O16 12P D . 34.88 13.60 -5.06
C9 2CV E . 37.04 4.35 -17.35
C12 2CV E . 37.71 5.45 -16.56
C15 2CV E . 38.34 6.56 -17.37
C18 2CV E . 39.63 7.08 -16.77
C21 2CV E . 39.71 8.60 -16.70
C24 2CV E . 40.37 9.14 -15.44
C27 2CV E . 40.84 10.57 -15.56
C1 2CV E . 36.26 3.38 -16.50
C0 2CV E . 35.20 2.64 -17.29
C9 2CV F . 16.04 3.32 -18.58
C12 2CV F . 17.38 3.85 -18.05
C15 2CV F . 18.32 2.79 -17.37
C18 2CV F . 19.56 3.32 -16.63
C21 2CV F . 20.24 2.35 -15.62
C24 2CV F . 21.42 2.88 -14.79
C1 2CV F . 15.96 1.84 -19.02
C0 2CV F . 14.65 1.34 -19.64
C8 PTY G . -2.22 1.89 0.07
C11 PTY G . -1.58 0.64 -0.50
C12 PTY G . -0.50 0.07 0.39
C13 PTY G . 0.58 -0.70 -0.40
C14 PTY G . 1.91 -0.75 0.33
C15 PTY G . 3.15 -0.85 -0.56
C16 PTY G . 4.35 -0.01 -0.10
C17 PTY G . 5.06 0.79 -1.22
C18 PTY G . 6.52 1.18 -1.00
C19 PTY G . 7.54 0.31 -1.76
C20 PTY G . 8.76 -0.17 -0.96
C21 PTY G . 8.56 -0.37 0.55
C22 PTY G . 9.43 -1.45 1.21
C23 PTY G . 9.12 -1.72 2.70
C24 PTY G . 9.39 -3.16 3.18
C25 PTY G . 9.71 -3.30 4.68
C26 PTY G . 9.63 -4.74 5.20
C27 PTY G . 9.56 -4.88 6.71
C28 PTY G . 8.75 -6.07 7.23
C29 PTY G . 9.44 -7.00 8.21
#